data_5KM2
#
_entry.id   5KM2
#
_cell.length_a   78.463
_cell.length_b   46.208
_cell.length_c   64.108
_cell.angle_alpha   90.000
_cell.angle_beta   94.490
_cell.angle_gamma   90.000
#
_symmetry.space_group_name_H-M   'C 1 2 1'
#
loop_
_entity.id
_entity.type
_entity.pdbx_description
1 polymer 'Histidine triad nucleotide-binding protein 1'
2 non-polymer "CYTIDINE-5'-MONOPHOSPHATE"
3 non-polymer GLYCEROL
4 non-polymer 'CHLORIDE ION'
5 water water
#
_entity_poly.entity_id   1
_entity_poly.type   'polypeptide(L)'
_entity_poly.pdbx_seq_one_letter_code
;SNAMADEIAKAQVARPGGDTIFGKIIRKEIPAKIIFEDDRCLAFHDISPQAPTHFLVIPKKHISQISVAEDDDESLLGHL
MIVGKKCAADLGLNKGYRMVVNEGSDGGQSVYHVHLHVLGGRQMHWPPG
;
_entity_poly.pdbx_strand_id   A,B
#
# COMPACT_ATOMS: atom_id res chain seq x y z
N ARG A 15 2.68 -28.50 1.01
CA ARG A 15 2.76 -27.30 0.17
C ARG A 15 2.64 -26.02 1.00
N PRO A 16 3.80 -25.48 1.44
CA PRO A 16 3.85 -24.25 2.23
C PRO A 16 3.43 -23.01 1.43
N GLY A 17 2.62 -22.16 2.04
CA GLY A 17 2.17 -20.95 1.38
C GLY A 17 0.75 -21.04 0.84
N GLY A 18 0.18 -22.24 0.88
CA GLY A 18 -1.21 -22.43 0.50
C GLY A 18 -1.45 -22.60 -0.99
N ASP A 19 -2.72 -22.79 -1.34
CA ASP A 19 -3.08 -23.16 -2.69
C ASP A 19 -3.84 -22.10 -3.48
N THR A 20 -3.83 -20.85 -3.01
CA THR A 20 -4.26 -19.77 -3.89
C THR A 20 -3.30 -19.72 -5.06
N ILE A 21 -3.70 -19.07 -6.14
N ILE A 21 -3.72 -19.06 -6.14
CA ILE A 21 -2.82 -18.96 -7.30
CA ILE A 21 -2.86 -18.88 -7.31
C ILE A 21 -1.47 -18.31 -6.93
C ILE A 21 -1.49 -18.33 -6.90
N PHE A 22 -1.48 -17.41 -5.95
CA PHE A 22 -0.24 -16.78 -5.51
C PHE A 22 0.66 -17.75 -4.73
N GLY A 23 0.05 -18.60 -3.89
CA GLY A 23 0.82 -19.63 -3.21
C GLY A 23 1.49 -20.56 -4.22
N LYS A 24 0.78 -20.87 -5.29
CA LYS A 24 1.31 -21.73 -6.32
C LYS A 24 2.41 -21.06 -7.15
N ILE A 25 2.25 -19.77 -7.42
CA ILE A 25 3.30 -19.01 -8.10
C ILE A 25 4.57 -18.99 -7.24
N ILE A 26 4.43 -18.81 -5.92
CA ILE A 26 5.58 -18.84 -5.02
C ILE A 26 6.37 -20.15 -5.14
N ARG A 27 5.65 -21.27 -5.23
CA ARG A 27 6.30 -22.57 -5.33
C ARG A 27 6.66 -22.98 -6.77
N LYS A 28 6.55 -22.06 -7.71
CA LYS A 28 6.92 -22.29 -9.11
C LYS A 28 6.03 -23.35 -9.77
N GLU A 29 4.81 -23.50 -9.28
CA GLU A 29 3.88 -24.50 -9.81
C GLU A 29 3.04 -23.94 -10.95
N ILE A 30 2.93 -22.61 -10.99
CA ILE A 30 2.25 -21.88 -12.06
C ILE A 30 3.23 -20.79 -12.49
N PRO A 31 3.43 -20.62 -13.80
N PRO A 31 3.39 -20.59 -13.80
CA PRO A 31 4.43 -19.64 -14.24
CA PRO A 31 4.42 -19.64 -14.26
C PRO A 31 4.04 -18.20 -13.94
C PRO A 31 4.03 -18.19 -14.02
N ALA A 32 5.05 -17.36 -13.79
CA ALA A 32 4.84 -15.93 -13.64
C ALA A 32 6.07 -15.22 -14.17
N LYS A 33 5.91 -13.94 -14.50
CA LYS A 33 7.02 -13.13 -15.00
C LYS A 33 7.60 -12.39 -13.81
N ILE A 34 8.66 -12.96 -13.24
N ILE A 34 8.66 -12.98 -13.24
CA ILE A 34 9.19 -12.49 -11.97
CA ILE A 34 9.24 -12.52 -12.00
C ILE A 34 10.23 -11.40 -12.14
C ILE A 34 10.17 -11.34 -12.21
N ILE A 35 10.09 -10.35 -11.32
CA ILE A 35 10.96 -9.19 -11.36
C ILE A 35 12.03 -9.29 -10.29
N PHE A 36 11.64 -9.75 -9.11
CA PHE A 36 12.54 -9.80 -7.95
C PHE A 36 12.04 -10.87 -7.00
N GLU A 37 12.98 -11.54 -6.33
CA GLU A 37 12.63 -12.54 -5.34
C GLU A 37 13.64 -12.53 -4.20
N ASP A 38 13.14 -12.52 -2.97
CA ASP A 38 14.00 -12.78 -1.81
C ASP A 38 13.34 -13.76 -0.87
N ASP A 39 13.90 -13.93 0.31
CA ASP A 39 13.36 -14.89 1.27
C ASP A 39 11.99 -14.52 1.83
N ARG A 40 11.63 -13.24 1.75
N ARG A 40 11.62 -13.24 1.75
CA ARG A 40 10.39 -12.74 2.33
CA ARG A 40 10.36 -12.77 2.33
C ARG A 40 9.27 -12.49 1.32
C ARG A 40 9.27 -12.45 1.33
N CYS A 41 9.63 -12.25 0.07
CA CYS A 41 8.64 -11.78 -0.91
C CYS A 41 9.03 -12.06 -2.35
N LEU A 42 8.07 -11.79 -3.21
CA LEU A 42 8.18 -12.04 -4.63
C LEU A 42 7.47 -10.91 -5.38
N ALA A 43 8.12 -10.36 -6.40
CA ALA A 43 7.49 -9.35 -7.26
C ALA A 43 7.35 -9.90 -8.68
N PHE A 44 6.16 -9.76 -9.27
CA PHE A 44 5.92 -10.31 -10.60
C PHE A 44 4.85 -9.48 -11.30
N HIS A 45 4.85 -9.51 -12.63
CA HIS A 45 3.96 -8.69 -13.42
C HIS A 45 2.52 -9.19 -13.36
N ASP A 46 1.58 -8.26 -13.31
CA ASP A 46 0.15 -8.60 -13.29
C ASP A 46 -0.30 -9.10 -14.66
N ILE A 47 -1.08 -10.17 -14.68
CA ILE A 47 -1.56 -10.77 -15.94
C ILE A 47 -2.60 -9.90 -16.66
N SER A 48 -3.22 -8.97 -15.93
N SER A 48 -3.20 -8.97 -15.93
CA SER A 48 -4.20 -8.06 -16.52
CA SER A 48 -4.20 -8.05 -16.49
C SER A 48 -3.83 -6.62 -16.15
C SER A 48 -3.82 -6.61 -16.14
N PRO A 49 -2.76 -6.10 -16.78
CA PRO A 49 -2.22 -4.79 -16.39
C PRO A 49 -3.20 -3.65 -16.61
N GLN A 50 -3.27 -2.75 -15.63
CA GLN A 50 -4.14 -1.59 -15.68
C GLN A 50 -3.37 -0.32 -15.96
N ALA A 51 -2.07 -0.47 -16.19
CA ALA A 51 -1.20 0.64 -16.54
C ALA A 51 -0.07 0.05 -17.37
N PRO A 52 0.71 0.90 -18.06
CA PRO A 52 1.78 0.36 -18.91
C PRO A 52 2.75 -0.55 -18.14
N THR A 53 3.03 -0.22 -16.88
CA THR A 53 3.71 -1.13 -15.96
C THR A 53 2.77 -1.40 -14.80
N HIS A 54 2.55 -2.67 -14.49
CA HIS A 54 1.68 -3.04 -13.39
C HIS A 54 2.17 -4.36 -12.83
N PHE A 55 2.73 -4.33 -11.62
CA PHE A 55 3.22 -5.54 -10.99
C PHE A 55 2.68 -5.68 -9.59
N LEU A 56 2.92 -6.86 -9.01
CA LEU A 56 2.49 -7.19 -7.67
C LEU A 56 3.70 -7.54 -6.82
N VAL A 57 3.65 -7.16 -5.54
CA VAL A 57 4.63 -7.64 -4.56
C VAL A 57 3.87 -8.40 -3.48
N ILE A 58 4.26 -9.65 -3.27
CA ILE A 58 3.54 -10.51 -2.36
C ILE A 58 4.48 -11.13 -1.33
N PRO A 59 4.02 -11.33 -0.09
CA PRO A 59 4.85 -12.06 0.87
C PRO A 59 4.88 -13.54 0.52
N LYS A 60 5.97 -14.21 0.88
CA LYS A 60 6.00 -15.67 0.78
C LYS A 60 5.16 -16.31 1.88
N LYS A 61 5.18 -15.70 3.07
CA LYS A 61 4.25 -16.09 4.13
C LYS A 61 2.82 -15.87 3.70
N HIS A 62 1.97 -16.87 3.85
CA HIS A 62 0.56 -16.71 3.50
C HIS A 62 -0.22 -15.93 4.57
N ILE A 63 -0.75 -14.79 4.16
CA ILE A 63 -1.65 -13.97 4.97
C ILE A 63 -2.82 -13.70 4.04
N SER A 64 -4.04 -13.97 4.48
CA SER A 64 -5.18 -13.89 3.56
C SER A 64 -5.51 -12.48 3.09
N GLN A 65 -5.41 -11.52 4.00
CA GLN A 65 -5.82 -10.14 3.73
C GLN A 65 -5.26 -9.26 4.83
N ILE A 66 -5.18 -7.96 4.54
N ILE A 66 -5.19 -7.95 4.60
CA ILE A 66 -4.54 -7.03 5.45
CA ILE A 66 -4.62 -7.04 5.59
C ILE A 66 -5.30 -6.95 6.77
C ILE A 66 -5.40 -7.06 6.91
N SER A 67 -6.61 -7.19 6.71
N SER A 67 -6.71 -7.14 6.82
CA SER A 67 -7.45 -7.04 7.91
CA SER A 67 -7.57 -7.08 8.00
C SER A 67 -7.17 -8.08 8.99
C SER A 67 -7.21 -8.14 9.04
N VAL A 68 -6.48 -9.18 8.64
CA VAL A 68 -6.06 -10.19 9.60
C VAL A 68 -4.55 -10.25 9.84
N ALA A 69 -3.79 -9.31 9.29
CA ALA A 69 -2.36 -9.27 9.54
C ALA A 69 -2.09 -9.06 11.03
N GLU A 70 -1.04 -9.71 11.54
CA GLU A 70 -0.68 -9.59 12.94
C GLU A 70 0.26 -8.41 13.14
N ASP A 71 0.34 -7.92 14.38
CA ASP A 71 1.24 -6.80 14.68
C ASP A 71 2.68 -7.11 14.28
N ASP A 72 3.08 -8.36 14.47
CA ASP A 72 4.45 -8.75 14.15
C ASP A 72 4.71 -8.86 12.64
N ASP A 73 3.67 -8.66 11.82
CA ASP A 73 3.83 -8.61 10.37
C ASP A 73 4.26 -7.23 9.85
N GLU A 74 4.48 -6.27 10.74
CA GLU A 74 4.79 -4.90 10.31
C GLU A 74 5.99 -4.83 9.40
N SER A 75 7.08 -5.47 9.80
N SER A 75 7.08 -5.46 9.81
N SER A 75 7.07 -5.47 9.83
CA SER A 75 8.31 -5.40 9.03
CA SER A 75 8.31 -5.42 9.03
CA SER A 75 8.32 -5.48 9.07
C SER A 75 8.12 -6.02 7.64
C SER A 75 8.11 -6.02 7.64
C SER A 75 8.08 -6.01 7.67
N LEU A 76 7.36 -7.12 7.58
CA LEU A 76 7.08 -7.77 6.30
C LEU A 76 6.26 -6.88 5.37
N LEU A 77 5.21 -6.25 5.91
CA LEU A 77 4.39 -5.36 5.12
C LEU A 77 5.20 -4.18 4.61
N GLY A 78 6.01 -3.61 5.49
CA GLY A 78 6.90 -2.53 5.07
C GLY A 78 7.87 -3.00 3.99
N HIS A 79 8.35 -4.23 4.10
CA HIS A 79 9.28 -4.77 3.11
C HIS A 79 8.63 -4.84 1.74
N LEU A 80 7.34 -5.15 1.69
CA LEU A 80 6.63 -5.14 0.41
C LEU A 80 6.73 -3.78 -0.27
N MET A 81 6.57 -2.71 0.51
N MET A 81 6.59 -2.72 0.53
CA MET A 81 6.65 -1.36 -0.03
CA MET A 81 6.63 -1.37 0.02
C MET A 81 8.06 -0.98 -0.46
C MET A 81 8.03 -0.94 -0.41
N ILE A 82 9.05 -1.36 0.36
CA ILE A 82 10.43 -1.06 0.01
C ILE A 82 10.83 -1.81 -1.27
N VAL A 83 10.47 -3.09 -1.35
CA VAL A 83 10.71 -3.84 -2.59
C VAL A 83 9.94 -3.25 -3.77
N GLY A 84 8.69 -2.84 -3.54
CA GLY A 84 7.91 -2.19 -4.59
C GLY A 84 8.59 -0.95 -5.14
N LYS A 85 9.08 -0.09 -4.26
CA LYS A 85 9.71 1.14 -4.73
C LYS A 85 11.05 0.84 -5.42
N LYS A 86 11.78 -0.15 -4.94
CA LYS A 86 13.04 -0.53 -5.59
C LYS A 86 12.80 -1.12 -6.98
N CYS A 87 11.82 -2.01 -7.08
CA CYS A 87 11.47 -2.56 -8.39
C CYS A 87 10.98 -1.47 -9.36
N ALA A 88 10.19 -0.52 -8.85
CA ALA A 88 9.71 0.57 -9.70
C ALA A 88 10.88 1.36 -10.28
N ALA A 89 11.89 1.62 -9.46
CA ALA A 89 13.08 2.31 -9.94
C ALA A 89 13.84 1.46 -10.98
N ASP A 90 13.96 0.17 -10.70
CA ASP A 90 14.65 -0.75 -11.61
C ASP A 90 13.92 -0.83 -12.96
N LEU A 91 12.61 -0.62 -12.94
CA LEU A 91 11.80 -0.65 -14.16
C LEU A 91 11.68 0.73 -14.82
N GLY A 92 12.41 1.71 -14.32
CA GLY A 92 12.45 3.02 -14.95
C GLY A 92 11.23 3.90 -14.78
N LEU A 93 10.45 3.68 -13.71
CA LEU A 93 9.26 4.49 -13.47
C LEU A 93 9.62 5.82 -12.82
N ASN A 94 10.40 6.62 -13.54
CA ASN A 94 11.00 7.83 -12.98
C ASN A 94 10.03 9.00 -12.79
N LYS A 95 8.83 8.89 -13.34
CA LYS A 95 7.81 9.92 -13.12
C LYS A 95 6.86 9.56 -12.00
N GLY A 96 7.03 8.38 -11.42
CA GLY A 96 6.25 7.99 -10.27
C GLY A 96 5.34 6.80 -10.52
N TYR A 97 4.48 6.51 -9.55
CA TYR A 97 3.68 5.29 -9.57
C TYR A 97 2.70 5.34 -8.41
N ARG A 98 1.78 4.39 -8.42
CA ARG A 98 0.79 4.26 -7.35
C ARG A 98 0.85 2.84 -6.77
N MET A 99 0.82 2.74 -5.45
CA MET A 99 0.77 1.46 -4.74
C MET A 99 -0.62 1.28 -4.17
N VAL A 100 -1.15 0.07 -4.29
CA VAL A 100 -2.53 -0.20 -3.90
C VAL A 100 -2.65 -1.54 -3.18
N VAL A 101 -3.38 -1.55 -2.07
CA VAL A 101 -3.83 -2.80 -1.47
C VAL A 101 -5.37 -2.83 -1.50
N ASN A 102 -5.93 -3.89 -2.07
CA ASN A 102 -7.36 -4.10 -2.12
C ASN A 102 -7.79 -5.05 -1.02
N GLU A 103 -8.64 -4.57 -0.12
CA GLU A 103 -9.09 -5.35 1.01
C GLU A 103 -10.56 -5.72 0.90
N GLY A 104 -10.85 -7.01 0.83
CA GLY A 104 -12.21 -7.48 0.89
C GLY A 104 -13.09 -7.07 -0.28
N SER A 105 -14.40 -7.21 -0.10
CA SER A 105 -15.35 -7.00 -1.18
C SER A 105 -15.35 -5.56 -1.69
N ASP A 106 -15.44 -4.59 -0.78
CA ASP A 106 -15.44 -3.18 -1.19
C ASP A 106 -14.10 -2.75 -1.80
N GLY A 107 -13.02 -3.41 -1.41
CA GLY A 107 -11.73 -3.16 -2.03
C GLY A 107 -11.58 -3.81 -3.39
N GLY A 108 -12.47 -4.74 -3.71
CA GLY A 108 -12.39 -5.47 -4.97
C GLY A 108 -11.45 -6.68 -4.94
N GLN A 109 -11.03 -7.09 -3.75
CA GLN A 109 -10.08 -8.20 -3.61
C GLN A 109 -10.59 -9.48 -4.29
N SER A 110 -9.72 -10.11 -5.08
CA SER A 110 -10.12 -11.33 -5.78
C SER A 110 -9.22 -12.53 -5.47
N VAL A 111 -8.04 -12.26 -4.91
CA VAL A 111 -7.13 -13.32 -4.46
C VAL A 111 -6.80 -13.07 -3.00
N TYR A 112 -7.12 -14.04 -2.15
CA TYR A 112 -6.94 -13.90 -0.71
C TYR A 112 -5.58 -14.40 -0.24
N HIS A 113 -4.57 -13.70 -0.76
CA HIS A 113 -3.19 -13.80 -0.33
C HIS A 113 -2.70 -12.38 -0.50
N VAL A 114 -2.27 -11.76 0.59
CA VAL A 114 -1.95 -10.33 0.62
C VAL A 114 -1.02 -9.94 -0.52
N HIS A 115 -1.29 -8.81 -1.14
CA HIS A 115 -0.44 -8.32 -2.22
C HIS A 115 -0.54 -6.81 -2.39
N LEU A 116 0.56 -6.23 -2.82
CA LEU A 116 0.64 -4.81 -3.11
C LEU A 116 0.75 -4.63 -4.62
N HIS A 117 -0.20 -3.90 -5.22
CA HIS A 117 -0.10 -3.50 -6.63
C HIS A 117 0.82 -2.32 -6.74
N VAL A 118 1.62 -2.27 -7.80
CA VAL A 118 2.39 -1.09 -8.17
C VAL A 118 2.10 -0.79 -9.63
N LEU A 119 1.58 0.41 -9.91
CA LEU A 119 1.14 0.81 -11.25
C LEU A 119 1.85 2.09 -11.67
N GLY A 120 2.35 2.13 -12.89
CA GLY A 120 2.92 3.36 -13.41
C GLY A 120 3.08 3.33 -14.91
N GLY A 121 3.84 4.30 -15.41
CA GLY A 121 4.05 4.48 -16.82
C GLY A 121 2.94 5.26 -17.52
N ARG A 122 2.00 5.79 -16.74
CA ARG A 122 1.00 6.73 -17.25
C ARG A 122 0.57 7.60 -16.08
N GLN A 123 -0.14 8.68 -16.39
CA GLN A 123 -0.73 9.50 -15.34
C GLN A 123 -1.85 8.72 -14.66
N MET A 124 -1.74 8.53 -13.35
CA MET A 124 -2.81 7.95 -12.56
C MET A 124 -3.78 9.06 -12.16
N HIS A 125 -5.06 8.71 -12.07
CA HIS A 125 -6.12 9.68 -11.83
C HIS A 125 -6.67 9.62 -10.41
N TRP A 126 -7.42 10.64 -10.03
CA TRP A 126 -8.04 10.69 -8.71
C TRP A 126 -9.54 10.83 -8.93
N PRO A 127 -10.38 10.13 -8.16
CA PRO A 127 -10.06 9.20 -7.08
C PRO A 127 -9.45 7.91 -7.60
N PRO A 128 -8.81 7.14 -6.70
CA PRO A 128 -8.14 5.91 -7.10
C PRO A 128 -9.15 4.75 -7.17
N GLY A 129 -10.09 4.86 -8.10
CA GLY A 129 -11.23 3.97 -8.14
C GLY A 129 -12.32 4.40 -7.17
N GLY B 18 11.75 20.39 3.08
CA GLY B 18 10.81 21.48 3.22
C GLY B 18 9.53 21.07 3.94
N ASP B 19 9.03 21.96 4.79
CA ASP B 19 7.82 21.69 5.57
C ASP B 19 6.61 21.58 4.67
N THR B 20 5.60 20.85 5.11
CA THR B 20 4.35 20.74 4.38
C THR B 20 3.18 20.95 5.32
N ILE B 21 1.99 21.03 4.76
CA ILE B 21 0.78 21.14 5.54
C ILE B 21 0.61 19.95 6.49
N PHE B 22 1.11 18.78 6.11
CA PHE B 22 1.05 17.63 7.02
C PHE B 22 1.97 17.81 8.24
N GLY B 23 3.08 18.50 8.05
CA GLY B 23 3.93 18.91 9.16
C GLY B 23 3.17 19.79 10.12
N LYS B 24 2.41 20.75 9.60
CA LYS B 24 1.61 21.62 10.45
C LYS B 24 0.56 20.84 11.22
N ILE B 25 -0.04 19.85 10.57
CA ILE B 25 -1.04 19.01 11.23
C ILE B 25 -0.41 18.19 12.37
N ILE B 26 0.75 17.58 12.11
CA ILE B 26 1.47 16.84 13.14
C ILE B 26 1.80 17.73 14.34
N ARG B 27 2.20 18.97 14.07
CA ARG B 27 2.59 19.91 15.11
C ARG B 27 1.40 20.57 15.79
N LYS B 28 0.19 20.23 15.35
CA LYS B 28 -1.08 20.73 15.91
C LYS B 28 -1.26 22.23 15.66
N GLU B 29 -0.57 22.74 14.65
CA GLU B 29 -0.68 24.16 14.29
C GLU B 29 -1.94 24.50 13.53
N ILE B 30 -2.49 23.53 12.81
CA ILE B 30 -3.80 23.72 12.17
C ILE B 30 -4.66 22.51 12.51
N PRO B 31 -5.98 22.66 12.50
CA PRO B 31 -6.83 21.54 12.91
C PRO B 31 -6.98 20.45 11.87
N ALA B 32 -7.24 19.24 12.35
CA ALA B 32 -7.61 18.10 11.54
C ALA B 32 -8.46 17.20 12.43
N LYS B 33 -9.29 16.34 11.82
CA LYS B 33 -10.09 15.41 12.58
C LYS B 33 -9.26 14.16 12.82
N ILE B 34 -8.57 14.15 13.96
CA ILE B 34 -7.65 13.07 14.31
C ILE B 34 -8.40 11.83 14.75
N ILE B 35 -7.99 10.69 14.19
CA ILE B 35 -8.59 9.40 14.48
C ILE B 35 -7.74 8.64 15.49
N PHE B 36 -6.42 8.72 15.33
CA PHE B 36 -5.49 7.96 16.17
C PHE B 36 -4.13 8.63 16.14
N GLU B 37 -3.39 8.53 17.24
CA GLU B 37 -2.04 9.03 17.28
C GLU B 37 -1.20 8.09 18.14
N ASP B 38 0.08 7.94 17.80
CA ASP B 38 1.03 7.33 18.73
C ASP B 38 2.34 8.11 18.68
N ASP B 39 3.45 7.51 19.10
CA ASP B 39 4.71 8.23 19.12
C ASP B 39 5.35 8.42 17.73
N ARG B 40 4.83 7.71 16.72
CA ARG B 40 5.50 7.68 15.42
C ARG B 40 4.60 7.89 14.21
N CYS B 41 3.30 8.03 14.41
CA CYS B 41 2.39 8.28 13.30
C CYS B 41 1.12 8.96 13.77
N LEU B 42 0.36 9.42 12.79
CA LEU B 42 -0.88 10.12 13.03
C LEU B 42 -1.89 9.73 11.96
N ALA B 43 -3.12 9.45 12.35
CA ALA B 43 -4.20 9.14 11.41
C ALA B 43 -5.29 10.18 11.53
N PHE B 44 -5.75 10.70 10.39
CA PHE B 44 -6.75 11.77 10.41
C PHE B 44 -7.59 11.72 9.14
N HIS B 45 -8.82 12.22 9.21
CA HIS B 45 -9.69 12.22 8.04
C HIS B 45 -9.16 13.16 6.96
N ASP B 46 -9.24 12.72 5.71
CA ASP B 46 -8.84 13.55 4.57
C ASP B 46 -9.81 14.71 4.41
N ILE B 47 -9.27 15.90 4.19
CA ILE B 47 -10.09 17.08 4.03
C ILE B 47 -10.88 17.10 2.71
N SER B 48 -10.43 16.29 1.74
CA SER B 48 -11.11 16.18 0.44
C SER B 48 -11.48 14.72 0.21
N PRO B 49 -12.45 14.20 0.98
CA PRO B 49 -12.70 12.76 0.94
C PRO B 49 -13.27 12.26 -0.39
N GLN B 50 -12.81 11.09 -0.81
CA GLN B 50 -13.20 10.49 -2.08
C GLN B 50 -14.07 9.26 -1.88
N ALA B 51 -14.45 8.99 -0.64
CA ALA B 51 -15.31 7.88 -0.28
C ALA B 51 -15.99 8.26 1.02
N PRO B 52 -17.06 7.54 1.41
CA PRO B 52 -17.74 7.91 2.65
C PRO B 52 -16.81 7.88 3.86
N THR B 53 -15.82 6.99 3.83
CA THR B 53 -14.71 7.03 4.77
C THR B 53 -13.41 7.16 3.99
N HIS B 54 -12.64 8.20 4.29
CA HIS B 54 -11.37 8.41 3.63
C HIS B 54 -10.45 9.09 4.62
N PHE B 55 -9.44 8.36 5.09
CA PHE B 55 -8.50 8.92 6.03
C PHE B 55 -7.06 8.66 5.60
N LEU B 56 -6.13 9.31 6.28
CA LEU B 56 -4.70 9.19 6.00
C LEU B 56 -4.00 8.67 7.24
N VAL B 57 -2.95 7.89 7.03
CA VAL B 57 -2.02 7.55 8.10
C VAL B 57 -0.64 8.03 7.66
N ILE B 58 0.00 8.86 8.47
CA ILE B 58 1.27 9.46 8.09
C ILE B 58 2.31 9.25 9.18
N PRO B 59 3.58 9.07 8.80
CA PRO B 59 4.62 8.98 9.82
C PRO B 59 4.91 10.37 10.36
N LYS B 60 5.38 10.46 11.61
CA LYS B 60 5.83 11.73 12.12
C LYS B 60 7.19 12.10 11.54
N LYS B 61 7.99 11.11 11.20
CA LYS B 61 9.24 11.32 10.50
C LYS B 61 8.96 11.90 9.11
N HIS B 62 9.64 12.98 8.74
CA HIS B 62 9.41 13.58 7.42
C HIS B 62 10.15 12.83 6.32
N ILE B 63 9.54 11.76 5.83
CA ILE B 63 9.97 11.10 4.61
C ILE B 63 9.15 11.75 3.49
N SER B 64 9.81 12.35 2.50
CA SER B 64 9.08 13.16 1.53
C SER B 64 8.24 12.34 0.56
N GLN B 65 8.69 11.13 0.25
CA GLN B 65 8.03 10.28 -0.73
C GLN B 65 8.57 8.88 -0.59
N ILE B 66 7.77 7.89 -0.97
CA ILE B 66 8.14 6.50 -0.76
C ILE B 66 9.42 6.14 -1.52
N SER B 67 9.68 6.80 -2.64
CA SER B 67 10.86 6.48 -3.44
C SER B 67 12.17 6.75 -2.71
N VAL B 68 12.14 7.60 -1.68
CA VAL B 68 13.36 7.89 -0.92
C VAL B 68 13.39 7.24 0.46
N ALA B 69 12.40 6.42 0.77
CA ALA B 69 12.39 5.70 2.04
C ALA B 69 13.59 4.78 2.15
N GLU B 70 14.15 4.68 3.36
CA GLU B 70 15.33 3.86 3.61
C GLU B 70 14.93 2.46 4.07
N ASP B 71 15.86 1.52 4.00
CA ASP B 71 15.60 0.15 4.45
C ASP B 71 15.22 0.11 5.93
N ASP B 72 15.84 1.00 6.71
CA ASP B 72 15.57 1.08 8.15
C ASP B 72 14.14 1.54 8.44
N ASP B 73 13.46 2.08 7.43
CA ASP B 73 12.09 2.58 7.58
C ASP B 73 11.05 1.50 7.38
N GLU B 74 11.50 0.29 7.09
N GLU B 74 11.49 0.27 7.10
CA GLU B 74 10.59 -0.79 6.76
CA GLU B 74 10.56 -0.79 6.71
C GLU B 74 9.48 -0.98 7.78
C GLU B 74 9.48 -1.06 7.77
N SER B 75 9.86 -1.15 9.03
CA SER B 75 8.88 -1.45 10.05
C SER B 75 7.93 -0.26 10.29
N LEU B 76 8.46 0.95 10.16
CA LEU B 76 7.63 2.16 10.24
C LEU B 76 6.56 2.18 9.16
N LEU B 77 6.96 1.87 7.92
CA LEU B 77 6.00 1.84 6.82
C LEU B 77 4.94 0.77 7.08
N GLY B 78 5.36 -0.40 7.53
CA GLY B 78 4.42 -1.44 7.88
C GLY B 78 3.49 -1.02 9.01
N HIS B 79 4.03 -0.25 9.97
CA HIS B 79 3.25 0.28 11.07
C HIS B 79 2.12 1.17 10.57
N LEU B 80 2.38 1.95 9.52
CA LEU B 80 1.30 2.75 8.92
C LEU B 80 0.16 1.87 8.44
N MET B 81 0.50 0.73 7.85
N MET B 81 0.49 0.73 7.84
CA MET B 81 -0.51 -0.20 7.34
CA MET B 81 -0.55 -0.18 7.36
C MET B 81 -1.28 -0.90 8.44
C MET B 81 -1.31 -0.89 8.47
N ILE B 82 -0.60 -1.30 9.52
CA ILE B 82 -1.26 -1.93 10.66
C ILE B 82 -2.17 -0.93 11.38
N VAL B 83 -1.68 0.29 11.58
CA VAL B 83 -2.53 1.35 12.15
C VAL B 83 -3.73 1.62 11.24
N GLY B 84 -3.48 1.64 9.93
CA GLY B 84 -4.57 1.84 8.97
C GLY B 84 -5.66 0.77 9.06
N LYS B 85 -5.25 -0.48 9.15
CA LYS B 85 -6.18 -1.60 9.25
C LYS B 85 -7.00 -1.52 10.53
N LYS B 86 -6.33 -1.17 11.63
CA LYS B 86 -7.01 -1.06 12.91
C LYS B 86 -7.99 0.11 12.93
N CYS B 87 -7.59 1.24 12.39
CA CYS B 87 -8.49 2.39 12.26
C CYS B 87 -9.68 2.05 11.37
N ALA B 88 -9.43 1.32 10.28
CA ALA B 88 -10.52 0.94 9.38
C ALA B 88 -11.57 0.09 10.12
N ALA B 89 -11.10 -0.84 10.94
CA ALA B 89 -11.99 -1.69 11.72
C ALA B 89 -12.79 -0.84 12.71
N ASP B 90 -12.10 0.07 13.39
CA ASP B 90 -12.75 0.94 14.37
C ASP B 90 -13.80 1.85 13.73
N LEU B 91 -13.59 2.19 12.46
CA LEU B 91 -14.51 3.05 11.72
C LEU B 91 -15.60 2.24 11.01
N GLY B 92 -15.63 0.94 11.28
CA GLY B 92 -16.72 0.08 10.82
C GLY B 92 -16.64 -0.36 9.38
N LEU B 93 -15.44 -0.40 8.81
CA LEU B 93 -15.27 -0.81 7.42
C LEU B 93 -15.18 -2.33 7.29
N ASN B 94 -16.26 -3.01 7.67
CA ASN B 94 -16.29 -4.46 7.71
C ASN B 94 -16.42 -5.11 6.34
N LYS B 95 -16.78 -4.32 5.33
CA LYS B 95 -16.91 -4.85 3.97
C LYS B 95 -15.64 -4.65 3.16
N GLY B 96 -14.63 -4.03 3.76
CA GLY B 96 -13.36 -3.83 3.09
C GLY B 96 -13.03 -2.39 2.78
N TYR B 97 -11.92 -2.18 2.08
CA TYR B 97 -11.39 -0.84 1.84
C TYR B 97 -10.24 -0.94 0.86
N ARG B 98 -9.73 0.20 0.45
CA ARG B 98 -8.54 0.27 -0.41
C ARG B 98 -7.49 1.15 0.24
N MET B 99 -6.25 0.66 0.27
CA MET B 99 -5.11 1.46 0.74
C MET B 99 -4.29 1.92 -0.44
N VAL B 100 -3.83 3.16 -0.39
CA VAL B 100 -3.11 3.74 -1.52
C VAL B 100 -1.92 4.57 -1.06
N VAL B 101 -0.76 4.39 -1.70
CA VAL B 101 0.35 5.31 -1.56
C VAL B 101 0.69 5.86 -2.95
N ASN B 102 0.67 7.18 -3.09
CA ASN B 102 1.02 7.83 -4.33
C ASN B 102 2.46 8.30 -4.32
N GLU B 103 3.15 8.10 -5.44
CA GLU B 103 4.53 8.58 -5.62
C GLU B 103 4.64 9.46 -6.86
N GLY B 104 5.09 10.69 -6.65
CA GLY B 104 5.45 11.57 -7.75
C GLY B 104 4.30 12.04 -8.60
N SER B 105 4.66 12.60 -9.76
N SER B 105 4.62 12.61 -9.76
CA SER B 105 3.71 13.22 -10.66
CA SER B 105 3.59 13.24 -10.58
C SER B 105 2.71 12.22 -11.21
C SER B 105 2.66 12.21 -11.22
N ASP B 106 3.22 11.13 -11.78
CA ASP B 106 2.37 10.10 -12.36
C ASP B 106 1.50 9.42 -11.29
N GLY B 107 2.02 9.29 -10.08
CA GLY B 107 1.25 8.71 -8.99
C GLY B 107 0.18 9.66 -8.46
N GLY B 108 0.22 10.92 -8.86
CA GLY B 108 -0.72 11.89 -8.33
C GLY B 108 -0.47 12.29 -6.89
N GLN B 109 0.78 12.20 -6.44
CA GLN B 109 1.11 12.55 -5.05
C GLN B 109 0.83 14.03 -4.80
N SER B 110 0.02 14.33 -3.80
CA SER B 110 -0.43 15.71 -3.59
C SER B 110 0.36 16.51 -2.56
N VAL B 111 0.97 15.80 -1.61
CA VAL B 111 1.77 16.40 -0.54
C VAL B 111 3.05 15.60 -0.43
N TYR B 112 4.20 16.28 -0.38
CA TYR B 112 5.49 15.60 -0.29
C TYR B 112 5.88 15.29 1.16
N HIS B 113 5.02 14.49 1.77
CA HIS B 113 5.23 13.86 3.06
C HIS B 113 4.49 12.54 2.88
N VAL B 114 5.20 11.42 3.02
N VAL B 114 5.20 11.42 3.07
CA VAL B 114 4.59 10.14 2.65
CA VAL B 114 4.61 10.10 2.84
C VAL B 114 3.33 9.88 3.49
C VAL B 114 3.26 9.95 3.55
N HIS B 115 2.27 9.42 2.83
CA HIS B 115 0.97 9.21 3.44
C HIS B 115 0.26 8.01 2.83
N LEU B 116 -0.39 7.24 3.69
CA LEU B 116 -1.18 6.10 3.27
C LEU B 116 -2.65 6.51 3.29
N HIS B 117 -3.31 6.49 2.13
CA HIS B 117 -4.76 6.70 2.05
C HIS B 117 -5.48 5.41 2.41
N VAL B 118 -6.59 5.53 3.13
CA VAL B 118 -7.49 4.41 3.35
C VAL B 118 -8.90 4.86 3.00
N LEU B 119 -9.50 4.19 2.03
CA LEU B 119 -10.82 4.58 1.51
C LEU B 119 -11.80 3.42 1.61
N GLY B 120 -13.02 3.69 2.06
CA GLY B 120 -14.04 2.66 2.08
C GLY B 120 -15.43 3.23 2.28
N GLY B 121 -16.39 2.36 2.55
CA GLY B 121 -17.77 2.78 2.73
C GLY B 121 -18.52 2.84 1.41
N ARG B 122 -17.86 2.42 0.34
CA ARG B 122 -18.49 2.28 -0.97
C ARG B 122 -17.69 1.25 -1.75
N GLN B 123 -18.26 0.76 -2.84
CA GLN B 123 -17.50 -0.09 -3.74
C GLN B 123 -16.36 0.70 -4.38
N MET B 124 -15.13 0.21 -4.22
CA MET B 124 -13.99 0.79 -4.94
C MET B 124 -13.88 0.09 -6.30
N HIS B 125 -13.49 0.84 -7.33
CA HIS B 125 -13.57 0.36 -8.70
C HIS B 125 -12.20 0.05 -9.29
N TRP B 126 -12.19 -0.53 -10.48
CA TRP B 126 -10.94 -0.95 -11.12
C TRP B 126 -11.02 -0.46 -12.55
N PRO B 127 -9.96 0.20 -13.06
CA PRO B 127 -8.64 0.44 -12.46
C PRO B 127 -8.68 1.45 -11.30
N PRO B 128 -7.64 1.45 -10.45
CA PRO B 128 -7.60 2.34 -9.29
C PRO B 128 -7.07 3.72 -9.71
N GLY B 129 -7.80 4.40 -10.58
CA GLY B 129 -7.31 5.62 -11.21
C GLY B 129 -6.49 5.28 -12.43
#